data_7CCB
#
_entry.id   7CCB
#
_cell.length_a   55.060
_cell.length_b   75.910
_cell.length_c   81.160
_cell.angle_alpha   90.000
_cell.angle_beta   90.000
_cell.angle_gamma   90.000
#
_symmetry.space_group_name_H-M   'P 21 21 21'
#
loop_
_entity.id
_entity.type
_entity.pdbx_description
1 polymer 'SPRY domain-containing protein 7'
2 water water
#
_entity_poly.entity_id   1
_entity_poly.type   'polypeptide(L)'
_entity_poly.pdbx_seq_one_letter_code
;MHHHHHHGGTGHIPLKEMPAVQLDTQHMGTDVVIVKNGRRICGTGGCLASAPLHQNKSYFEFKIQSTGIWGIGVATQKVN
LNQIPLGRDMHSLVMRNDGALYHNNEEKNRLPANSLPQEGDVVGITYDHVELNVYLNGKNMHCPASGIRGTVYPVVYVDD
SAILDCQFSEFYHTPPPGFEKILF
;
_entity_poly.pdbx_strand_id   A,B
#
# COMPACT_ATOMS: atom_id res chain seq x y z
N ALA A 20 -10.45 9.59 4.09
CA ALA A 20 -10.14 8.14 4.03
C ALA A 20 -9.95 7.61 5.46
N VAL A 21 -10.25 6.35 5.67
CA VAL A 21 -9.99 5.72 6.98
C VAL A 21 -8.48 5.57 7.08
N GLN A 22 -7.92 5.98 8.20
CA GLN A 22 -6.46 5.99 8.39
C GLN A 22 -6.17 5.93 9.88
N LEU A 23 -4.89 5.90 10.22
CA LEU A 23 -4.47 5.90 11.64
C LEU A 23 -4.78 7.28 12.23
N ASP A 24 -5.47 7.29 13.37
CA ASP A 24 -6.07 8.51 13.96
C ASP A 24 -5.10 9.18 14.92
N THR A 25 -4.51 10.32 14.55
CA THR A 25 -3.54 10.99 15.45
C THR A 25 -4.26 11.58 16.67
N GLN A 26 -5.59 11.62 16.69
CA GLN A 26 -6.35 12.03 17.89
C GLN A 26 -6.49 10.88 18.88
N HIS A 27 -6.13 9.64 18.48
CA HIS A 27 -6.27 8.44 19.34
C HIS A 27 -5.00 7.60 19.20
N MET A 28 -3.92 8.09 19.77
CA MET A 28 -2.61 7.41 19.66
C MET A 28 -1.86 7.49 20.97
N GLY A 29 -0.96 6.55 21.18
CA GLY A 29 -0.06 6.49 22.34
C GLY A 29 0.90 7.64 22.35
N THR A 30 1.49 7.89 23.52
CA THR A 30 2.36 9.05 23.75
C THR A 30 3.52 9.06 22.77
N ASP A 31 4.15 7.89 22.52
CA ASP A 31 5.38 7.82 21.70
C ASP A 31 5.07 7.16 20.33
N VAL A 32 3.83 7.20 19.90
CA VAL A 32 3.46 6.71 18.55
C VAL A 32 3.79 7.77 17.52
N VAL A 33 4.36 7.33 16.42
CA VAL A 33 4.67 8.20 15.25
C VAL A 33 3.82 7.69 14.08
N ILE A 34 2.95 8.56 13.56
CA ILE A 34 2.12 8.27 12.35
C ILE A 34 2.68 9.12 11.20
N VAL A 35 3.10 8.43 10.15
CA VAL A 35 3.67 9.12 8.97
C VAL A 35 3.04 8.52 7.70
N LYS A 36 3.50 9.00 6.54
CA LYS A 36 3.05 8.45 5.23
C LYS A 36 1.52 8.57 5.12
N ASN A 37 0.98 9.80 5.21
CA ASN A 37 -0.43 10.06 4.84
C ASN A 37 -1.35 9.21 5.72
N GLY A 38 -0.98 9.06 7.00
CA GLY A 38 -1.81 8.35 7.98
C GLY A 38 -1.79 6.85 7.81
N ARG A 39 -0.79 6.30 7.12
CA ARG A 39 -0.79 4.86 6.80
C ARG A 39 0.29 4.09 7.58
N ARG A 40 1.31 4.74 8.09
CA ARG A 40 2.45 4.04 8.73
C ARG A 40 2.51 4.38 10.20
N ILE A 41 2.62 3.33 11.03
CA ILE A 41 2.87 3.48 12.46
C ILE A 41 4.27 2.98 12.78
N CYS A 42 4.99 3.77 13.54
CA CYS A 42 6.28 3.39 14.11
C CYS A 42 6.39 4.02 15.48
N GLY A 43 7.53 3.81 16.13
CA GLY A 43 7.73 4.25 17.51
C GLY A 43 7.19 3.24 18.50
N THR A 44 6.49 3.71 19.54
CA THR A 44 6.09 2.85 20.66
C THR A 44 4.68 3.21 21.11
N GLY A 45 3.78 2.26 21.04
CA GLY A 45 2.41 2.36 21.53
C GLY A 45 1.40 2.00 20.46
N GLY A 46 0.14 2.22 20.82
CA GLY A 46 -1.00 1.88 19.94
C GLY A 46 -1.66 3.06 19.28
N CYS A 47 -2.47 2.75 18.29
CA CYS A 47 -3.28 3.78 17.60
C CYS A 47 -4.59 3.15 17.15
N LEU A 48 -5.69 3.91 17.27
CA LEU A 48 -6.98 3.52 16.66
C LEU A 48 -7.03 4.06 15.25
N ALA A 49 -7.75 3.38 14.37
CA ALA A 49 -8.14 3.95 13.08
C ALA A 49 -9.25 4.97 13.31
N SER A 50 -9.45 5.77 12.29
CA SER A 50 -10.29 6.99 12.34
C SER A 50 -11.78 6.68 12.18
N ALA A 51 -12.21 5.44 12.04
CA ALA A 51 -13.63 5.09 11.84
C ALA A 51 -13.96 3.85 12.63
N PRO A 52 -15.17 3.80 13.23
CA PRO A 52 -15.62 2.60 13.94
C PRO A 52 -16.14 1.53 12.98
N LEU A 53 -16.17 0.32 13.50
CA LEU A 53 -16.72 -0.82 12.73
C LEU A 53 -18.23 -0.81 12.95
N HIS A 54 -18.92 0.02 12.18
CA HIS A 54 -20.39 0.14 12.32
C HIS A 54 -21.00 -1.04 11.56
N GLN A 55 -20.51 -1.30 10.37
CA GLN A 55 -21.09 -2.27 9.42
C GLN A 55 -20.99 -3.72 9.90
N ASN A 56 -21.77 -4.61 9.31
CA ASN A 56 -21.85 -6.03 9.75
C ASN A 56 -20.50 -6.74 9.51
N LYS A 57 -19.85 -6.46 8.39
CA LYS A 57 -18.66 -7.25 7.97
C LYS A 57 -17.58 -6.32 7.41
N SER A 58 -16.44 -6.26 8.11
CA SER A 58 -15.34 -5.34 7.80
C SER A 58 -14.10 -6.16 7.51
N TYR A 59 -13.32 -5.66 6.55
CA TYR A 59 -11.98 -6.17 6.28
C TYR A 59 -10.99 -5.01 6.26
N PHE A 60 -9.82 -5.23 6.83
CA PHE A 60 -8.69 -4.30 6.70
C PHE A 60 -7.38 -5.06 6.79
N GLU A 61 -6.30 -4.41 6.44
CA GLU A 61 -5.00 -5.09 6.36
C GLU A 61 -3.93 -4.27 7.02
N PHE A 62 -2.86 -4.96 7.46
CA PHE A 62 -1.57 -4.30 7.77
C PHE A 62 -0.45 -5.10 7.15
N LYS A 63 0.51 -4.38 6.61
CA LYS A 63 1.73 -4.99 6.05
C LYS A 63 2.81 -4.82 7.10
N ILE A 64 3.48 -5.92 7.46
CA ILE A 64 4.56 -5.89 8.47
C ILE A 64 5.80 -5.38 7.73
N GLN A 65 5.98 -4.07 7.68
CA GLN A 65 7.15 -3.49 6.97
C GLN A 65 8.44 -3.85 7.72
N SER A 66 8.43 -3.74 9.04
CA SER A 66 9.54 -4.15 9.93
C SER A 66 8.92 -4.87 11.11
N THR A 67 9.41 -6.06 11.44
CA THR A 67 8.85 -6.81 12.61
C THR A 67 9.54 -6.29 13.88
N GLY A 68 9.12 -6.84 15.00
CA GLY A 68 9.46 -6.40 16.35
C GLY A 68 8.35 -6.81 17.27
N ILE A 69 7.91 -5.88 18.10
CA ILE A 69 6.73 -6.06 18.98
C ILE A 69 5.56 -5.36 18.30
N TRP A 70 4.49 -6.07 18.05
CA TRP A 70 3.33 -5.46 17.35
C TRP A 70 2.10 -6.30 17.56
N GLY A 71 0.97 -5.68 17.28
CA GLY A 71 -0.30 -6.41 17.29
C GLY A 71 -1.35 -5.63 16.56
N ILE A 72 -2.37 -6.36 16.13
CA ILE A 72 -3.44 -5.82 15.28
C ILE A 72 -4.76 -6.41 15.76
N GLY A 73 -5.77 -5.57 15.78
CA GLY A 73 -7.11 -6.13 16.02
C GLY A 73 -8.14 -5.04 16.16
N VAL A 74 -8.97 -5.14 17.19
CA VAL A 74 -10.02 -4.12 17.44
C VAL A 74 -9.96 -3.69 18.91
N ALA A 75 -10.42 -2.49 19.16
CA ALA A 75 -10.46 -1.94 20.52
C ALA A 75 -11.57 -0.91 20.66
N THR A 76 -12.02 -0.70 21.90
CA THR A 76 -12.94 0.43 22.13
C THR A 76 -12.12 1.68 22.42
N GLN A 77 -12.80 2.82 22.53
CA GLN A 77 -12.10 4.08 22.85
C GLN A 77 -11.58 4.08 24.28
N LYS A 78 -11.91 3.08 25.11
CA LYS A 78 -11.43 3.02 26.51
C LYS A 78 -10.00 2.49 26.56
N VAL A 79 -9.48 1.96 25.45
CA VAL A 79 -8.19 1.24 25.47
C VAL A 79 -7.07 2.20 25.90
N ASN A 80 -6.15 1.70 26.72
CA ASN A 80 -4.93 2.48 27.08
C ASN A 80 -3.88 2.20 25.99
N LEU A 81 -3.60 3.19 25.14
CA LEU A 81 -2.69 2.95 23.99
C LEU A 81 -1.22 3.05 24.40
N ASN A 82 -0.90 3.29 25.66
CA ASN A 82 0.49 3.25 26.14
C ASN A 82 0.84 1.89 26.76
N GLN A 83 -0.15 1.12 27.19
CA GLN A 83 0.12 -0.12 27.95
C GLN A 83 0.03 -1.28 27.00
N ILE A 84 1.12 -1.51 26.26
CA ILE A 84 1.30 -2.66 25.34
C ILE A 84 2.05 -3.81 26.01
N PRO A 85 1.82 -5.07 25.58
CA PRO A 85 0.89 -5.37 24.48
C PRO A 85 -0.59 -5.21 24.85
N LEU A 86 -1.42 -5.07 23.82
CA LEU A 86 -2.88 -5.00 23.98
C LEU A 86 -3.45 -6.41 24.11
N GLY A 87 -4.76 -6.48 24.29
CA GLY A 87 -5.45 -7.72 24.60
C GLY A 87 -5.38 -8.08 26.10
N ARG A 88 -4.95 -7.17 26.97
CA ARG A 88 -4.73 -7.47 28.42
C ARG A 88 -5.93 -7.05 29.26
N ASP A 89 -6.98 -6.54 28.66
CA ASP A 89 -8.21 -6.18 29.38
C ASP A 89 -9.41 -6.27 28.44
N MET A 90 -10.58 -5.81 28.89
CA MET A 90 -11.82 -6.03 28.13
C MET A 90 -11.87 -5.12 26.91
N HIS A 91 -10.97 -4.16 26.79
CA HIS A 91 -11.12 -3.07 25.81
C HIS A 91 -10.41 -3.37 24.50
N SER A 92 -9.66 -4.48 24.37
CA SER A 92 -8.98 -4.78 23.07
C SER A 92 -8.90 -6.29 22.85
N LEU A 93 -8.93 -6.63 21.58
CA LEU A 93 -8.79 -8.02 21.10
C LEU A 93 -7.80 -7.95 19.94
N VAL A 94 -6.64 -8.59 20.09
CA VAL A 94 -5.53 -8.42 19.11
C VAL A 94 -4.88 -9.74 18.84
N MET A 95 -4.36 -9.87 17.61
CA MET A 95 -3.33 -10.86 17.30
C MET A 95 -2.00 -10.13 17.50
N ARG A 96 -1.15 -10.72 18.32
CA ARG A 96 0.20 -10.20 18.58
C ARG A 96 1.23 -10.78 17.60
N ASN A 97 2.45 -10.25 17.69
CA ASN A 97 3.53 -10.66 16.75
C ASN A 97 3.85 -12.14 16.94
N ASP A 98 3.53 -12.74 18.10
CA ASP A 98 3.75 -14.20 18.36
C ASP A 98 2.68 -15.07 17.70
N GLY A 99 1.70 -14.49 17.03
CA GLY A 99 0.61 -15.20 16.33
C GLY A 99 -0.50 -15.62 17.28
N ALA A 100 -0.46 -15.17 18.54
CA ALA A 100 -1.52 -15.51 19.51
C ALA A 100 -2.52 -14.36 19.57
N LEU A 101 -3.80 -14.71 19.76
CA LEU A 101 -4.90 -13.76 19.86
C LEU A 101 -5.28 -13.65 21.33
N TYR A 102 -5.33 -12.42 21.83
CA TYR A 102 -5.60 -12.19 23.25
C TYR A 102 -6.71 -11.17 23.43
N HIS A 103 -7.53 -11.45 24.43
CA HIS A 103 -8.58 -10.53 24.93
C HIS A 103 -8.72 -10.76 26.44
N ASN A 104 -8.86 -9.67 27.18
CA ASN A 104 -9.06 -9.73 28.64
C ASN A 104 -7.94 -10.55 29.30
N ASN A 105 -6.71 -10.43 28.80
CA ASN A 105 -5.51 -11.10 29.32
C ASN A 105 -5.64 -12.63 29.23
N GLU A 106 -6.43 -13.12 28.29
CA GLU A 106 -6.60 -14.56 28.03
C GLU A 106 -6.18 -14.83 26.59
N GLU A 107 -5.48 -15.93 26.36
CA GLU A 107 -5.17 -16.41 25.01
C GLU A 107 -6.42 -17.07 24.47
N LYS A 108 -7.00 -16.51 23.42
CA LYS A 108 -8.23 -17.00 22.80
C LYS A 108 -7.93 -18.00 21.69
N ASN A 109 -6.85 -17.81 20.95
CA ASN A 109 -6.49 -18.67 19.81
C ASN A 109 -5.02 -18.43 19.49
N ARG A 110 -4.48 -19.18 18.56
CA ARG A 110 -3.07 -19.01 18.17
C ARG A 110 -2.87 -19.63 16.80
N LEU A 111 -2.12 -18.93 15.96
CA LEU A 111 -1.76 -19.43 14.63
C LEU A 111 -0.92 -20.69 14.79
N PRO A 112 -0.96 -21.54 13.75
CA PRO A 112 -0.05 -22.68 13.68
C PRO A 112 1.42 -22.22 13.76
N ALA A 113 2.26 -23.01 14.43
CA ALA A 113 3.65 -22.66 14.76
C ALA A 113 4.51 -22.48 13.50
N ASN A 114 4.12 -23.04 12.36
CA ASN A 114 4.91 -22.91 11.13
C ASN A 114 4.23 -21.94 10.18
N SER A 115 3.26 -21.17 10.70
CA SER A 115 2.54 -20.16 9.89
C SER A 115 2.50 -18.84 10.65
N LEU A 116 3.51 -18.53 11.45
CA LEU A 116 3.47 -17.30 12.26
C LEU A 116 3.78 -16.14 11.32
N PRO A 117 3.24 -14.95 11.64
CA PRO A 117 3.48 -13.82 10.76
C PRO A 117 4.96 -13.47 10.71
N GLN A 118 5.43 -13.06 9.55
CA GLN A 118 6.85 -12.73 9.29
C GLN A 118 6.91 -11.31 8.74
N GLU A 119 8.07 -10.67 8.86
CA GLU A 119 8.33 -9.38 8.19
C GLU A 119 8.03 -9.51 6.71
N GLY A 120 7.25 -8.59 6.15
CA GLY A 120 6.83 -8.49 4.76
C GLY A 120 5.44 -9.08 4.55
N ASP A 121 4.94 -9.84 5.50
CA ASP A 121 3.59 -10.44 5.38
C ASP A 121 2.53 -9.34 5.35
N VAL A 122 1.45 -9.62 4.64
CA VAL A 122 0.20 -8.82 4.76
C VAL A 122 -0.76 -9.58 5.65
N VAL A 123 -1.12 -8.97 6.78
CA VAL A 123 -2.08 -9.58 7.73
C VAL A 123 -3.43 -8.99 7.39
N GLY A 124 -4.37 -9.83 6.97
CA GLY A 124 -5.77 -9.42 6.76
C GLY A 124 -6.56 -9.72 8.02
N ILE A 125 -7.44 -8.80 8.40
CA ILE A 125 -8.36 -8.94 9.55
C ILE A 125 -9.79 -8.84 9.07
N THR A 126 -10.62 -9.82 9.43
CA THR A 126 -12.08 -9.67 9.29
C THR A 126 -12.66 -9.47 10.67
N TYR A 127 -13.73 -8.70 10.72
CA TYR A 127 -14.54 -8.55 11.95
C TYR A 127 -15.98 -8.51 11.52
N ASP A 128 -16.73 -9.48 12.04
CA ASP A 128 -18.18 -9.59 11.69
C ASP A 128 -18.99 -9.46 12.98
N HIS A 129 -18.41 -8.91 14.05
CA HIS A 129 -19.05 -8.69 15.38
C HIS A 129 -19.23 -10.02 16.11
N VAL A 130 -19.29 -11.12 15.43
CA VAL A 130 -19.29 -12.44 16.11
C VAL A 130 -17.85 -12.77 16.46
N GLU A 131 -16.94 -12.57 15.50
CA GLU A 131 -15.54 -12.94 15.73
C GLU A 131 -14.58 -12.11 14.87
N LEU A 132 -13.36 -12.08 15.34
CA LEU A 132 -12.22 -11.60 14.54
C LEU A 132 -11.54 -12.81 13.93
N ASN A 133 -11.11 -12.71 12.67
CA ASN A 133 -10.35 -13.77 12.04
C ASN A 133 -9.16 -13.15 11.33
N VAL A 134 -8.18 -13.99 11.09
CA VAL A 134 -6.86 -13.60 10.58
C VAL A 134 -6.61 -14.29 9.25
N TYR A 135 -6.09 -13.51 8.30
CA TYR A 135 -5.59 -13.97 6.97
C TYR A 135 -4.12 -13.58 6.87
N LEU A 136 -3.28 -14.48 6.34
CA LEU A 136 -1.86 -14.14 6.07
C LEU A 136 -1.64 -14.28 4.58
N ASN A 137 -1.31 -13.18 3.91
CA ASN A 137 -0.99 -13.23 2.46
C ASN A 137 -2.20 -13.83 1.71
N GLY A 138 -3.42 -13.46 2.13
CA GLY A 138 -4.67 -13.85 1.43
C GLY A 138 -5.17 -15.22 1.87
N LYS A 139 -4.48 -15.88 2.79
CA LYS A 139 -4.82 -17.27 3.22
C LYS A 139 -5.59 -17.17 4.55
N ASN A 140 -6.80 -17.72 4.60
CA ASN A 140 -7.60 -17.79 5.82
C ASN A 140 -6.89 -18.69 6.84
N MET A 141 -6.52 -18.15 8.00
CA MET A 141 -5.80 -18.92 9.03
C MET A 141 -6.77 -19.70 9.92
N HIS A 142 -8.08 -19.50 9.78
CA HIS A 142 -9.10 -20.25 10.57
C HIS A 142 -8.73 -20.18 12.04
N CYS A 143 -8.51 -18.96 12.51
CA CYS A 143 -8.01 -18.72 13.87
C CYS A 143 -8.88 -17.68 14.57
N PRO A 144 -10.22 -17.85 14.66
CA PRO A 144 -11.09 -16.79 15.15
C PRO A 144 -10.99 -16.59 16.67
N ALA A 145 -11.32 -15.39 17.11
CA ALA A 145 -11.54 -15.08 18.53
C ALA A 145 -12.86 -14.31 18.60
N SER A 146 -13.67 -14.61 19.62
CA SER A 146 -15.03 -14.03 19.79
C SER A 146 -14.86 -12.54 19.84
N GLY A 147 -15.85 -11.80 19.30
CA GLY A 147 -15.97 -10.35 19.30
C GLY A 147 -16.09 -9.83 20.71
N ILE A 148 -15.82 -8.54 20.90
CA ILE A 148 -15.79 -7.95 22.27
C ILE A 148 -16.97 -7.02 22.39
N ARG A 149 -17.07 -6.32 23.52
CA ARG A 149 -18.29 -5.52 23.78
C ARG A 149 -18.02 -4.05 23.48
N GLY A 150 -19.08 -3.32 23.17
CA GLY A 150 -19.01 -1.89 22.88
C GLY A 150 -18.78 -1.58 21.42
N THR A 151 -18.58 -0.31 21.14
CA THR A 151 -18.25 0.15 19.78
C THR A 151 -16.75 -0.04 19.57
N VAL A 152 -16.36 -0.71 18.49
CA VAL A 152 -14.91 -0.98 18.32
C VAL A 152 -14.39 -0.33 17.05
N TYR A 153 -13.09 -0.12 17.08
CA TYR A 153 -12.27 0.50 16.03
C TYR A 153 -11.15 -0.48 15.71
N PRO A 154 -10.61 -0.45 14.49
CA PRO A 154 -9.33 -1.13 14.25
C PRO A 154 -8.29 -0.53 15.18
N VAL A 155 -7.41 -1.39 15.66
CA VAL A 155 -6.29 -0.96 16.51
C VAL A 155 -5.02 -1.68 16.05
N VAL A 156 -3.93 -0.98 16.26
CA VAL A 156 -2.57 -1.52 15.97
C VAL A 156 -1.65 -0.99 17.05
N TYR A 157 -0.59 -1.72 17.36
CA TYR A 157 0.48 -1.17 18.21
C TYR A 157 1.83 -1.70 17.76
N VAL A 158 2.88 -0.96 18.13
CA VAL A 158 4.28 -1.30 17.74
C VAL A 158 5.20 -0.95 18.91
N ASP A 159 6.34 -1.59 18.87
CA ASP A 159 7.50 -1.25 19.73
C ASP A 159 8.69 -2.02 19.19
N ASP A 160 9.88 -1.72 19.73
CA ASP A 160 11.08 -2.54 19.46
C ASP A 160 11.35 -2.66 17.94
N SER A 161 11.22 -1.54 17.24
CA SER A 161 11.60 -1.35 15.82
C SER A 161 10.57 -1.92 14.85
N ALA A 162 9.35 -2.31 15.31
CA ALA A 162 8.24 -2.67 14.41
C ALA A 162 7.73 -1.44 13.64
N ILE A 163 7.45 -1.62 12.35
CA ILE A 163 6.82 -0.61 11.47
C ILE A 163 5.72 -1.31 10.71
N LEU A 164 4.49 -0.85 10.84
CA LEU A 164 3.33 -1.47 10.16
C LEU A 164 2.67 -0.42 9.27
N ASP A 165 2.23 -0.83 8.09
CA ASP A 165 1.52 0.05 7.14
C ASP A 165 0.11 -0.48 6.98
N CYS A 166 -0.86 0.38 7.11
CA CYS A 166 -2.28 -0.02 6.96
C CYS A 166 -2.73 0.01 5.51
N GLN A 167 -3.69 -0.86 5.19
CA GLN A 167 -4.51 -0.75 3.95
C GLN A 167 -5.96 -0.81 4.41
N PHE A 168 -6.66 0.30 4.33
CA PHE A 168 -8.10 0.36 4.68
C PHE A 168 -8.97 0.33 3.43
N SER A 169 -8.42 0.49 2.23
CA SER A 169 -9.28 0.51 1.01
C SER A 169 -8.60 -0.18 -0.16
N GLU A 170 -7.32 0.09 -0.42
CA GLU A 170 -6.62 -0.45 -1.61
C GLU A 170 -5.82 -1.70 -1.22
N PHE A 171 -6.52 -2.79 -1.09
CA PHE A 171 -5.97 -4.00 -0.44
C PHE A 171 -5.04 -4.79 -1.35
N TYR A 172 -4.08 -5.48 -0.75
CA TYR A 172 -3.24 -6.47 -1.45
C TYR A 172 -4.01 -7.77 -1.73
N HIS A 173 -5.06 -8.03 -0.95
CA HIS A 173 -5.85 -9.28 -1.06
C HIS A 173 -7.30 -8.89 -1.09
N THR A 174 -8.10 -9.50 -1.99
CA THR A 174 -9.54 -9.20 -2.08
C THR A 174 -10.20 -9.61 -0.76
N PRO A 175 -11.12 -8.80 -0.23
CA PRO A 175 -11.83 -9.17 0.98
C PRO A 175 -12.56 -10.49 0.75
N PRO A 176 -12.67 -11.34 1.77
CA PRO A 176 -13.48 -12.55 1.64
C PRO A 176 -14.94 -12.24 1.34
N PRO A 177 -15.65 -13.18 0.72
CA PRO A 177 -17.02 -12.90 0.31
C PRO A 177 -17.91 -12.40 1.48
N GLY A 178 -18.60 -11.29 1.24
CA GLY A 178 -19.54 -10.61 2.16
C GLY A 178 -18.87 -9.46 2.89
N PHE A 179 -17.54 -9.46 2.95
CA PHE A 179 -16.77 -8.45 3.71
C PHE A 179 -16.43 -7.28 2.81
N GLU A 180 -16.41 -6.09 3.38
CA GLU A 180 -16.16 -4.83 2.66
C GLU A 180 -15.16 -4.01 3.45
N LYS A 181 -14.53 -3.09 2.77
CA LYS A 181 -13.71 -2.06 3.43
C LYS A 181 -14.60 -1.30 4.42
N ILE A 182 -13.97 -0.70 5.42
CA ILE A 182 -14.69 0.13 6.40
C ILE A 182 -15.25 1.33 5.65
N LEU A 183 -16.56 1.55 5.83
CA LEU A 183 -17.34 2.69 5.26
C LEU A 183 -17.47 3.83 6.28
N ALA B 20 -11.87 -0.63 -8.88
CA ALA B 20 -10.61 0.04 -8.49
C ALA B 20 -9.63 0.11 -9.67
N VAL B 21 -8.95 1.23 -9.84
CA VAL B 21 -7.85 1.32 -10.82
C VAL B 21 -6.71 0.41 -10.32
N GLN B 22 -6.24 -0.44 -11.20
CA GLN B 22 -5.20 -1.43 -10.87
C GLN B 22 -4.39 -1.75 -12.11
N LEU B 23 -3.37 -2.56 -11.96
CA LEU B 23 -2.58 -3.06 -13.11
C LEU B 23 -3.47 -4.00 -13.92
N ASP B 24 -3.57 -3.74 -15.21
CA ASP B 24 -4.54 -4.38 -16.12
C ASP B 24 -3.93 -5.62 -16.78
N THR B 25 -4.41 -6.81 -16.41
CA THR B 25 -3.92 -8.08 -17.00
C THR B 25 -4.34 -8.17 -18.48
N GLN B 26 -5.23 -7.31 -18.96
CA GLN B 26 -5.58 -7.32 -20.41
C GLN B 26 -4.53 -6.55 -21.20
N HIS B 27 -3.62 -5.84 -20.53
CA HIS B 27 -2.63 -4.98 -21.23
C HIS B 27 -1.30 -5.16 -20.51
N MET B 28 -0.70 -6.33 -20.65
CA MET B 28 0.59 -6.61 -19.99
C MET B 28 1.50 -7.36 -20.95
N GLY B 29 2.80 -7.26 -20.70
CA GLY B 29 3.80 -7.97 -21.50
C GLY B 29 3.71 -9.48 -21.30
N THR B 30 4.39 -10.21 -22.15
CA THR B 30 4.32 -11.69 -22.18
C THR B 30 4.77 -12.29 -20.85
N ASP B 31 5.87 -11.81 -20.29
CA ASP B 31 6.51 -12.46 -19.12
C ASP B 31 6.27 -11.62 -17.86
N VAL B 32 5.18 -10.85 -17.87
CA VAL B 32 4.79 -10.04 -16.70
C VAL B 32 3.93 -10.88 -15.78
N VAL B 33 4.17 -10.74 -14.48
CA VAL B 33 3.35 -11.35 -13.42
C VAL B 33 2.65 -10.22 -12.67
N ILE B 34 1.33 -10.23 -12.62
CA ILE B 34 0.53 -9.28 -11.78
C ILE B 34 -0.06 -10.08 -10.63
N VAL B 35 0.23 -9.69 -9.40
CA VAL B 35 -0.29 -10.40 -8.20
C VAL B 35 -0.77 -9.37 -7.18
N LYS B 36 -1.34 -9.87 -6.08
CA LYS B 36 -1.78 -9.05 -4.92
C LYS B 36 -2.86 -8.09 -5.40
N ASN B 37 -3.96 -8.65 -5.90
CA ASN B 37 -5.19 -7.86 -6.16
C ASN B 37 -4.87 -6.78 -7.19
N GLY B 38 -4.00 -7.06 -8.15
CA GLY B 38 -3.71 -6.13 -9.26
C GLY B 38 -2.72 -5.03 -8.83
N ARG B 39 -2.04 -5.19 -7.72
CA ARG B 39 -1.17 -4.11 -7.16
C ARG B 39 0.30 -4.36 -7.40
N ARG B 40 0.74 -5.58 -7.63
CA ARG B 40 2.18 -5.86 -7.66
C ARG B 40 2.57 -6.38 -9.05
N ILE B 41 3.63 -5.83 -9.61
CA ILE B 41 4.18 -6.30 -10.89
C ILE B 41 5.57 -6.86 -10.64
N CYS B 42 5.82 -8.03 -11.19
CA CYS B 42 7.18 -8.59 -11.23
C CYS B 42 7.33 -9.36 -12.54
N GLY B 43 8.49 -9.97 -12.73
CA GLY B 43 8.81 -10.64 -13.99
C GLY B 43 9.52 -9.70 -14.92
N THR B 44 9.18 -9.78 -16.20
CA THR B 44 9.89 -9.03 -17.26
C THR B 44 8.86 -8.44 -18.21
N GLY B 45 8.76 -7.11 -18.26
CA GLY B 45 7.89 -6.41 -19.18
C GLY B 45 7.07 -5.35 -18.48
N GLY B 46 6.08 -4.83 -19.22
CA GLY B 46 5.29 -3.66 -18.79
C GLY B 46 3.83 -3.98 -18.63
N CYS B 47 3.13 -3.05 -18.02
CA CYS B 47 1.68 -3.17 -17.84
C CYS B 47 1.09 -1.78 -17.80
N LEU B 48 -0.06 -1.59 -18.44
CA LEU B 48 -0.83 -0.36 -18.29
C LEU B 48 -1.79 -0.52 -17.12
N ALA B 49 -2.15 0.59 -16.50
CA ALA B 49 -3.25 0.61 -15.54
C ALA B 49 -4.58 0.46 -16.26
N SER B 50 -5.58 0.07 -15.49
CA SER B 50 -6.92 -0.33 -15.98
C SER B 50 -7.77 0.88 -16.37
N ALA B 51 -7.29 2.10 -16.17
CA ALA B 51 -8.04 3.31 -16.57
C ALA B 51 -7.10 4.33 -17.19
N PRO B 52 -7.60 5.11 -18.18
CA PRO B 52 -6.82 6.17 -18.79
C PRO B 52 -6.80 7.46 -17.96
N LEU B 53 -5.88 8.35 -18.28
CA LEU B 53 -5.78 9.67 -17.62
C LEU B 53 -6.78 10.63 -18.27
N HIS B 54 -8.07 10.37 -18.06
CA HIS B 54 -9.19 11.09 -18.70
C HIS B 54 -9.66 12.18 -17.75
N GLN B 55 -8.74 12.96 -17.20
CA GLN B 55 -9.00 14.09 -16.29
C GLN B 55 -7.83 15.07 -16.42
N ASN B 56 -8.04 16.27 -15.91
CA ASN B 56 -7.04 17.36 -16.05
C ASN B 56 -5.75 16.99 -15.32
N LYS B 57 -5.86 16.50 -14.08
CA LYS B 57 -4.71 16.42 -13.15
C LYS B 57 -4.80 15.11 -12.40
N SER B 58 -3.83 14.22 -12.64
CA SER B 58 -3.81 12.86 -12.09
C SER B 58 -2.55 12.69 -11.26
N TYR B 59 -2.69 11.91 -10.19
CA TYR B 59 -1.55 11.50 -9.34
C TYR B 59 -1.63 9.99 -9.10
N PHE B 60 -0.52 9.30 -9.20
CA PHE B 60 -0.45 7.86 -8.85
C PHE B 60 0.95 7.58 -8.33
N GLU B 61 1.10 6.47 -7.64
CA GLU B 61 2.37 6.15 -6.97
C GLU B 61 2.80 4.73 -7.26
N PHE B 62 4.12 4.49 -7.17
CA PHE B 62 4.64 3.11 -7.09
C PHE B 62 5.61 3.05 -5.93
N LYS B 63 5.56 1.97 -5.17
CA LYS B 63 6.58 1.69 -4.15
C LYS B 63 7.58 0.71 -4.76
N ILE B 64 8.85 1.02 -4.59
CA ILE B 64 9.94 0.19 -5.12
C ILE B 64 10.22 -0.92 -4.09
N GLN B 65 9.52 -2.04 -4.20
CA GLN B 65 9.66 -3.15 -3.22
C GLN B 65 11.01 -3.83 -3.41
N SER B 66 11.39 -4.09 -4.64
CA SER B 66 12.71 -4.62 -5.00
C SER B 66 13.20 -3.82 -6.18
N THR B 67 14.38 -3.26 -6.09
CA THR B 67 14.95 -2.53 -7.24
C THR B 67 15.51 -3.54 -8.25
N GLY B 68 16.03 -3.00 -9.33
CA GLY B 68 16.52 -3.74 -10.48
C GLY B 68 16.38 -2.83 -11.68
N ILE B 69 15.76 -3.33 -12.72
CA ILE B 69 15.46 -2.50 -13.92
C ILE B 69 13.95 -2.20 -13.86
N TRP B 70 13.58 -0.94 -13.92
CA TRP B 70 12.15 -0.59 -13.81
C TRP B 70 11.96 0.83 -14.26
N GLY B 71 10.72 1.19 -14.51
CA GLY B 71 10.39 2.57 -14.80
C GLY B 71 8.90 2.78 -14.79
N ILE B 72 8.51 4.05 -14.74
CA ILE B 72 7.13 4.45 -14.44
C ILE B 72 6.81 5.65 -15.29
N GLY B 73 5.61 5.73 -15.80
CA GLY B 73 5.19 6.96 -16.48
C GLY B 73 3.86 6.82 -17.13
N VAL B 74 3.76 7.26 -18.38
CA VAL B 74 2.51 7.15 -19.16
C VAL B 74 2.79 6.56 -20.54
N ALA B 75 1.79 5.91 -21.08
CA ALA B 75 1.89 5.31 -22.42
C ALA B 75 0.53 5.29 -23.08
N THR B 76 0.56 5.12 -24.38
CA THR B 76 -0.68 4.85 -25.13
C THR B 76 -0.86 3.35 -25.29
N GLN B 77 -2.02 2.93 -25.77
CA GLN B 77 -2.29 1.49 -25.98
C GLN B 77 -1.45 0.98 -27.16
N LYS B 78 -0.74 1.82 -27.91
CA LYS B 78 0.18 1.37 -28.98
C LYS B 78 1.51 0.85 -28.43
N VAL B 79 1.80 1.10 -27.15
CA VAL B 79 3.13 0.74 -26.58
C VAL B 79 3.34 -0.78 -26.61
N ASN B 80 4.58 -1.15 -26.89
CA ASN B 80 5.02 -2.55 -26.88
C ASN B 80 5.39 -2.88 -25.44
N LEU B 81 4.60 -3.71 -24.76
CA LEU B 81 4.82 -3.94 -23.32
C LEU B 81 5.88 -5.00 -23.07
N ASN B 82 6.58 -5.45 -24.11
CA ASN B 82 7.80 -6.25 -23.91
C ASN B 82 9.06 -5.39 -24.04
N GLN B 83 8.91 -4.10 -24.32
CA GLN B 83 10.07 -3.18 -24.52
C GLN B 83 10.65 -2.78 -23.16
N ILE B 84 11.93 -3.09 -22.96
CA ILE B 84 12.65 -2.79 -21.71
C ILE B 84 13.93 -2.09 -22.10
N PRO B 85 14.20 -0.84 -21.71
CA PRO B 85 13.29 0.01 -20.97
C PRO B 85 12.25 0.62 -21.92
N LEU B 86 11.18 1.20 -21.36
CA LEU B 86 10.24 2.04 -22.12
C LEU B 86 10.83 3.42 -22.40
N GLY B 87 10.07 4.26 -23.05
CA GLY B 87 10.54 5.57 -23.49
C GLY B 87 11.40 5.52 -24.73
N ARG B 88 11.42 4.41 -25.47
CA ARG B 88 12.32 4.27 -26.67
C ARG B 88 11.62 4.77 -27.94
N ASP B 89 10.34 5.08 -27.87
CA ASP B 89 9.60 5.48 -29.10
C ASP B 89 8.49 6.45 -28.70
N MET B 90 7.61 6.81 -29.63
CA MET B 90 6.65 7.86 -29.36
C MET B 90 5.57 7.42 -28.38
N HIS B 91 5.47 6.16 -28.07
CA HIS B 91 4.26 5.60 -27.41
C HIS B 91 4.37 5.65 -25.88
N SER B 92 5.51 6.04 -25.30
CA SER B 92 5.67 6.06 -23.82
C SER B 92 6.64 7.17 -23.41
N LEU B 93 6.37 7.70 -22.24
CA LEU B 93 7.23 8.69 -21.54
C LEU B 93 7.40 8.13 -20.11
N VAL B 94 8.62 7.81 -19.70
CA VAL B 94 8.85 7.16 -18.39
C VAL B 94 10.07 7.75 -17.71
N MET B 95 10.00 7.72 -16.39
CA MET B 95 11.20 7.81 -15.54
C MET B 95 11.74 6.40 -15.36
N ARG B 96 12.97 6.18 -15.79
CA ARG B 96 13.67 4.90 -15.59
C ARG B 96 14.31 4.81 -14.19
N ASN B 97 14.78 3.64 -13.82
CA ASN B 97 15.32 3.42 -12.46
C ASN B 97 16.57 4.25 -12.19
N ASP B 98 17.26 4.74 -13.21
CA ASP B 98 18.46 5.64 -13.05
C ASP B 98 18.00 7.10 -12.89
N GLY B 99 16.70 7.35 -12.87
CA GLY B 99 16.16 8.70 -12.70
C GLY B 99 16.06 9.48 -14.01
N ALA B 100 16.44 8.89 -15.14
CA ALA B 100 16.33 9.62 -16.42
C ALA B 100 14.91 9.49 -17.00
N LEU B 101 14.37 10.59 -17.53
CA LEU B 101 13.04 10.60 -18.18
C LEU B 101 13.25 10.51 -19.69
N TYR B 102 12.63 9.52 -20.32
CA TYR B 102 12.83 9.22 -21.74
C TYR B 102 11.49 9.18 -22.45
N HIS B 103 11.50 9.73 -23.65
CA HIS B 103 10.40 9.61 -24.64
C HIS B 103 11.04 9.64 -26.04
N ASN B 104 10.58 8.79 -26.93
CA ASN B 104 11.11 8.77 -28.32
C ASN B 104 12.62 8.58 -28.33
N ASN B 105 13.11 7.81 -27.36
CA ASN B 105 14.55 7.47 -27.20
C ASN B 105 15.40 8.71 -26.93
N GLU B 106 14.80 9.78 -26.47
CA GLU B 106 15.52 11.03 -26.12
C GLU B 106 15.41 11.24 -24.62
N GLU B 107 16.50 11.64 -24.01
CA GLU B 107 16.50 12.00 -22.58
C GLU B 107 15.86 13.38 -22.47
N LYS B 108 14.72 13.48 -21.81
CA LYS B 108 13.94 14.73 -21.66
C LYS B 108 14.35 15.46 -20.39
N ASN B 109 14.73 14.72 -19.35
CA ASN B 109 15.09 15.31 -18.04
C ASN B 109 15.73 14.17 -17.24
N ARG B 110 16.31 14.50 -16.10
CA ARG B 110 16.91 13.49 -15.24
C ARG B 110 16.91 13.99 -13.80
N LEU B 111 16.52 13.12 -12.88
CA LEU B 111 16.71 13.38 -11.44
C LEU B 111 18.20 13.51 -11.22
N PRO B 112 18.62 14.44 -10.35
CA PRO B 112 20.02 14.50 -9.98
C PRO B 112 20.45 13.23 -9.26
N ALA B 113 21.72 12.89 -9.37
CA ALA B 113 22.25 11.64 -8.82
C ALA B 113 21.99 11.58 -7.31
N ASN B 114 21.98 12.72 -6.63
CA ASN B 114 21.77 12.75 -5.17
C ASN B 114 20.37 12.19 -4.86
N SER B 115 19.46 12.19 -5.82
CA SER B 115 18.05 11.77 -5.63
C SER B 115 17.76 10.51 -6.43
N LEU B 116 18.76 9.70 -6.73
CA LEU B 116 18.60 8.38 -7.42
C LEU B 116 17.55 7.61 -6.60
N PRO B 117 16.51 7.05 -7.23
CA PRO B 117 15.55 6.25 -6.50
C PRO B 117 16.21 5.01 -5.90
N GLN B 118 15.81 4.65 -4.69
CA GLN B 118 16.34 3.49 -3.97
C GLN B 118 15.20 2.54 -3.64
N GLU B 119 15.55 1.30 -3.41
CA GLU B 119 14.63 0.31 -2.87
C GLU B 119 13.99 0.89 -1.62
N GLY B 120 12.65 0.80 -1.51
CA GLY B 120 11.87 1.26 -0.36
C GLY B 120 11.26 2.62 -0.63
N ASP B 121 11.70 3.30 -1.67
CA ASP B 121 11.16 4.65 -1.97
C ASP B 121 9.74 4.52 -2.53
N VAL B 122 8.99 5.57 -2.35
CA VAL B 122 7.69 5.76 -3.07
C VAL B 122 7.91 6.82 -4.13
N VAL B 123 7.64 6.45 -5.36
CA VAL B 123 7.74 7.38 -6.51
C VAL B 123 6.35 7.84 -6.85
N GLY B 124 6.13 9.14 -6.78
CA GLY B 124 4.83 9.73 -7.13
C GLY B 124 4.92 10.31 -8.53
N ILE B 125 3.88 10.19 -9.32
CA ILE B 125 3.84 10.77 -10.67
C ILE B 125 2.66 11.71 -10.74
N THR B 126 2.88 12.93 -11.22
CA THR B 126 1.74 13.77 -11.63
C THR B 126 1.73 13.91 -13.13
N TYR B 127 0.54 14.06 -13.69
CA TYR B 127 0.40 14.26 -15.13
C TYR B 127 -0.80 15.16 -15.36
N ASP B 128 -0.57 16.24 -16.10
CA ASP B 128 -1.66 17.21 -16.37
C ASP B 128 -1.75 17.44 -17.89
N HIS B 129 -1.19 16.55 -18.70
CA HIS B 129 -1.22 16.61 -20.20
C HIS B 129 -0.23 17.66 -20.71
N VAL B 130 0.17 18.61 -19.91
CA VAL B 130 1.24 19.54 -20.28
C VAL B 130 2.57 18.93 -19.86
N GLU B 131 2.66 18.38 -18.65
CA GLU B 131 3.94 17.77 -18.23
C GLU B 131 3.70 16.63 -17.26
N LEU B 132 4.67 15.76 -17.26
CA LEU B 132 4.83 14.71 -16.23
C LEU B 132 5.86 15.21 -15.21
N ASN B 133 5.56 15.05 -13.94
CA ASN B 133 6.52 15.42 -12.88
C ASN B 133 6.67 14.24 -11.94
N VAL B 134 7.84 14.18 -11.34
CA VAL B 134 8.22 13.09 -10.42
C VAL B 134 8.32 13.63 -9.01
N TYR B 135 7.78 12.86 -8.07
CA TYR B 135 7.93 13.12 -6.64
C TYR B 135 8.59 11.90 -6.02
N LEU B 136 9.50 12.12 -5.11
CA LEU B 136 10.18 11.01 -4.41
C LEU B 136 9.87 11.18 -2.93
N ASN B 137 9.18 10.20 -2.37
CA ASN B 137 8.77 10.24 -0.94
C ASN B 137 8.16 11.59 -0.61
N GLY B 138 7.28 12.05 -1.50
CA GLY B 138 6.42 13.20 -1.27
C GLY B 138 7.06 14.50 -1.72
N LYS B 139 8.32 14.50 -2.11
CA LYS B 139 9.08 15.74 -2.49
C LYS B 139 9.10 15.90 -4.01
N ASN B 140 8.74 17.09 -4.51
CA ASN B 140 8.79 17.37 -5.95
C ASN B 140 10.24 17.38 -6.38
N MET B 141 10.61 16.58 -7.37
CA MET B 141 11.97 16.58 -7.91
C MET B 141 12.17 17.76 -8.89
N HIS B 142 11.11 18.40 -9.33
CA HIS B 142 11.16 19.54 -10.31
C HIS B 142 11.93 19.10 -11.54
N CYS B 143 11.62 17.91 -12.07
CA CYS B 143 12.30 17.37 -13.29
C CYS B 143 11.23 17.05 -14.32
N PRO B 144 10.43 18.05 -14.74
CA PRO B 144 9.33 17.75 -15.64
C PRO B 144 9.75 17.36 -17.05
N ALA B 145 8.87 16.61 -17.70
CA ALA B 145 9.02 16.28 -19.12
C ALA B 145 7.68 16.58 -19.79
N SER B 146 7.72 17.12 -21.00
CA SER B 146 6.49 17.48 -21.75
C SER B 146 5.62 16.24 -21.93
N GLY B 147 4.31 16.40 -21.86
CA GLY B 147 3.33 15.34 -22.14
C GLY B 147 3.45 14.88 -23.57
N ILE B 148 2.94 13.68 -23.84
CA ILE B 148 3.07 13.01 -25.17
C ILE B 148 1.72 13.05 -25.86
N ARG B 149 1.69 12.63 -27.12
CA ARG B 149 0.42 12.61 -27.88
C ARG B 149 -0.34 11.33 -27.60
N GLY B 150 -1.66 11.41 -27.78
CA GLY B 150 -2.51 10.24 -27.77
C GLY B 150 -3.19 10.04 -26.43
N THR B 151 -4.03 9.05 -26.35
CA THR B 151 -4.83 8.70 -25.14
C THR B 151 -3.89 7.93 -24.21
N VAL B 152 -3.59 8.48 -23.04
CA VAL B 152 -2.50 7.87 -22.24
C VAL B 152 -3.07 7.23 -20.99
N TYR B 153 -2.31 6.24 -20.54
CA TYR B 153 -2.56 5.43 -19.34
C TYR B 153 -1.30 5.43 -18.50
N PRO B 154 -1.43 5.26 -17.18
CA PRO B 154 -0.26 4.92 -16.38
C PRO B 154 0.38 3.66 -16.96
N VAL B 155 1.71 3.63 -16.90
CA VAL B 155 2.50 2.46 -17.34
C VAL B 155 3.62 2.24 -16.31
N VAL B 156 3.96 0.98 -16.20
CA VAL B 156 5.10 0.54 -15.36
C VAL B 156 5.78 -0.62 -16.06
N TYR B 157 7.10 -0.74 -15.90
CA TYR B 157 7.83 -1.95 -16.39
C TYR B 157 8.84 -2.38 -15.35
N VAL B 158 9.17 -3.66 -15.41
CA VAL B 158 10.16 -4.26 -14.49
C VAL B 158 10.99 -5.27 -15.29
N ASP B 159 12.17 -5.54 -14.74
CA ASP B 159 13.04 -6.65 -15.20
C ASP B 159 14.10 -6.82 -14.12
N ASP B 160 14.92 -7.86 -14.27
CA ASP B 160 16.13 -8.06 -13.42
C ASP B 160 15.73 -8.05 -11.94
N SER B 161 14.65 -8.74 -11.59
CA SER B 161 14.20 -8.98 -10.19
C SER B 161 13.55 -7.76 -9.54
N ALA B 162 13.25 -6.69 -10.29
CA ALA B 162 12.48 -5.57 -9.72
C ALA B 162 11.05 -6.01 -9.41
N ILE B 163 10.51 -5.47 -8.34
CA ILE B 163 9.12 -5.68 -7.89
C ILE B 163 8.59 -4.30 -7.52
N LEU B 164 7.51 -3.89 -8.17
CA LEU B 164 6.88 -2.58 -7.90
C LEU B 164 5.44 -2.81 -7.48
N ASP B 165 4.99 -2.02 -6.51
CA ASP B 165 3.62 -2.06 -5.99
C ASP B 165 2.96 -0.72 -6.30
N CYS B 166 1.76 -0.74 -6.87
CA CYS B 166 1.04 0.47 -7.24
C CYS B 166 0.17 0.97 -6.08
N GLN B 167 0.01 2.29 -6.00
CA GLN B 167 -1.03 2.97 -5.20
C GLN B 167 -1.79 3.88 -6.17
N PHE B 168 -3.02 3.52 -6.51
CA PHE B 168 -3.88 4.37 -7.35
C PHE B 168 -4.90 5.13 -6.52
N SER B 169 -5.05 4.83 -5.24
CA SER B 169 -6.07 5.54 -4.43
C SER B 169 -5.63 5.76 -2.99
N GLU B 170 -5.02 4.77 -2.35
CA GLU B 170 -4.66 4.87 -0.92
C GLU B 170 -3.18 5.23 -0.82
N PHE B 171 -2.84 6.50 -0.97
CA PHE B 171 -1.45 6.92 -1.25
C PHE B 171 -0.62 6.97 0.02
N TYR B 172 0.67 6.76 -0.10
CA TYR B 172 1.62 7.02 1.01
C TYR B 172 1.86 8.50 1.22
N HIS B 173 1.57 9.30 0.19
CA HIS B 173 1.80 10.77 0.20
C HIS B 173 0.53 11.44 -0.25
N THR B 174 0.15 12.51 0.43
CA THR B 174 -0.99 13.34 0.03
C THR B 174 -0.73 13.78 -1.42
N PRO B 175 -1.71 13.68 -2.32
CA PRO B 175 -1.51 14.11 -3.70
C PRO B 175 -1.07 15.56 -3.70
N PRO B 176 -0.11 15.90 -4.56
CA PRO B 176 0.33 17.28 -4.73
C PRO B 176 -0.90 18.14 -5.03
N PRO B 177 -0.93 19.39 -4.53
CA PRO B 177 -2.15 20.16 -4.65
C PRO B 177 -2.61 20.35 -6.09
N GLY B 178 -3.91 20.22 -6.27
CA GLY B 178 -4.53 20.29 -7.60
C GLY B 178 -4.67 18.92 -8.23
N PHE B 179 -3.85 17.94 -7.83
CA PHE B 179 -3.88 16.61 -8.48
C PHE B 179 -4.79 15.67 -7.70
N GLU B 180 -5.47 14.77 -8.38
CA GLU B 180 -6.30 13.78 -7.67
C GLU B 180 -6.06 12.39 -8.25
N LYS B 181 -6.54 11.43 -7.49
CA LYS B 181 -6.46 10.03 -7.94
C LYS B 181 -7.20 9.91 -9.27
N ILE B 182 -6.84 8.89 -10.03
CA ILE B 182 -7.53 8.59 -11.31
C ILE B 182 -8.96 8.14 -11.03
N LEU B 183 -9.92 8.77 -11.73
CA LEU B 183 -11.37 8.47 -11.59
C LEU B 183 -11.81 7.49 -12.68
#